data_8PPG
#
_entry.id   8PPG
#
_cell.length_a   71.283
_cell.length_b   97.102
_cell.length_c   190.755
_cell.angle_alpha   90.00
_cell.angle_beta   90.00
_cell.angle_gamma   90.00
#
_symmetry.space_group_name_H-M   'C 2 2 21'
#
loop_
_entity.id
_entity.type
_entity.pdbx_description
1 polymer 'Inositol-trisphosphate 3-kinase A'
2 non-polymer 'SULFATE ION'
3 non-polymer "ADENOSINE-5'-DIPHOSPHATE"
4 non-polymer 'beta-D-glucopyranosyl 1,3,4,6-tetrakisphosphate'
5 non-polymer 'MANGANESE (II) ION'
6 water water
#
_entity_poly.entity_id   1
_entity_poly.type   'polypeptide(L)'
_entity_poly.pdbx_seq_one_letter_code
;GSHMSWVQLAGHTGSFKAAGTSGLILKRCSEPERYCLARLMADALRGCVPAFHGVVERDGESYLQLQDLLDGFDGPCVLD
CKMGVRTYLEEELTKARERPKLRKDMYKKMLAVDPEAPTEEEHAQRAVTKPRYMQWREGISSSTTLGFRIEGIKKADGSC
STDFKTTRSREQVLRVFEEFVQGDEEVLRRYLNRLQQIRDTLEVSEFFRRHEVIGSSLLFVHDHCHRAGVWLIDFGKTTP
LPDGQILDHRRPWEEGNREDGYLLGLDNLIGILASLAER
;
_entity_poly.pdbx_strand_id   A,B
#
# COMPACT_ATOMS: atom_id res chain seq x y z
N GLY A 1 -14.66 0.27 12.56
CA GLY A 1 -15.45 -0.82 13.21
C GLY A 1 -14.68 -2.14 13.35
N SER A 2 -13.60 -2.35 12.59
CA SER A 2 -12.75 -3.58 12.62
C SER A 2 -11.53 -3.39 11.71
N HIS A 3 -10.32 -3.80 12.16
CA HIS A 3 -9.09 -3.81 11.32
C HIS A 3 -9.21 -4.90 10.25
N MET A 4 -9.62 -6.11 10.66
CA MET A 4 -9.81 -7.31 9.78
C MET A 4 -10.83 -6.99 8.68
N SER A 5 -11.79 -6.10 8.96
CA SER A 5 -12.77 -5.61 7.95
C SER A 5 -12.04 -4.87 6.82
N TRP A 6 -11.04 -4.05 7.15
CA TRP A 6 -10.20 -3.32 6.16
C TRP A 6 -9.25 -4.31 5.45
N VAL A 7 -8.68 -5.28 6.18
CA VAL A 7 -7.74 -6.29 5.59
C VAL A 7 -8.38 -6.85 4.31
N GLN A 8 -9.59 -7.42 4.43
CA GLN A 8 -10.37 -8.03 3.31
C GLN A 8 -10.59 -7.01 2.19
N GLY A 14 0.57 -9.47 7.96
CA GLY A 14 0.46 -10.94 7.93
C GLY A 14 0.55 -11.58 9.31
N SER A 15 0.52 -10.79 10.38
CA SER A 15 0.62 -11.26 11.80
C SER A 15 -0.74 -11.14 12.48
N PHE A 16 -1.80 -10.73 11.77
CA PHE A 16 -3.15 -10.52 12.36
C PHE A 16 -4.14 -11.56 11.82
N LYS A 17 -5.14 -11.89 12.64
CA LYS A 17 -6.20 -12.88 12.36
C LYS A 17 -7.45 -12.43 13.10
N ALA A 18 -8.62 -12.62 12.50
CA ALA A 18 -9.93 -12.25 13.09
C ALA A 18 -10.11 -13.05 14.36
N ALA A 19 -10.61 -12.41 15.42
CA ALA A 19 -10.93 -13.07 16.70
C ALA A 19 -12.38 -13.54 16.64
N GLY A 20 -12.82 -14.39 17.56
CA GLY A 20 -14.21 -14.89 17.60
C GLY A 20 -15.13 -13.95 18.35
N THR A 21 -14.56 -13.11 19.22
CA THR A 21 -15.27 -12.16 20.12
C THR A 21 -15.35 -10.78 19.45
N SER A 22 -16.52 -10.14 19.47
CA SER A 22 -16.69 -8.80 18.83
C SER A 22 -15.85 -7.79 19.63
N GLY A 23 -15.14 -6.92 18.92
CA GLY A 23 -14.31 -5.87 19.53
C GLY A 23 -12.86 -6.28 19.67
N LEU A 24 -12.51 -7.53 19.40
CA LEU A 24 -11.11 -8.01 19.58
C LEU A 24 -10.47 -8.31 18.23
N ILE A 25 -9.18 -8.55 18.28
CA ILE A 25 -8.34 -8.92 17.13
C ILE A 25 -7.20 -9.79 17.67
N LEU A 26 -6.72 -10.72 16.85
CA LEU A 26 -5.60 -11.62 17.22
C LEU A 26 -4.33 -11.13 16.56
N LYS A 27 -3.25 -11.06 17.33
CA LYS A 27 -1.91 -10.77 16.78
C LYS A 27 -1.00 -11.95 17.11
N ARG A 28 -0.22 -12.42 16.13
CA ARG A 28 0.71 -13.55 16.31
C ARG A 28 1.57 -13.21 17.51
N CYS A 29 1.48 -14.05 18.55
CA CYS A 29 2.18 -13.91 19.85
C CYS A 29 3.68 -14.11 19.64
N SER A 30 4.47 -13.17 20.17
CA SER A 30 5.95 -13.13 20.24
C SER A 30 6.31 -12.87 21.71
N GLU A 31 7.44 -13.37 22.20
CA GLU A 31 7.71 -13.37 23.66
C GLU A 31 7.91 -11.94 24.15
N PRO A 32 8.73 -11.12 23.44
CA PRO A 32 8.99 -9.75 23.87
C PRO A 32 7.68 -8.94 23.99
N GLU A 33 6.82 -9.06 22.98
CA GLU A 33 5.54 -8.29 22.92
C GLU A 33 4.59 -8.77 24.00
N ARG A 34 4.53 -10.08 24.24
CA ARG A 34 3.60 -10.65 25.24
C ARG A 34 3.98 -10.14 26.63
N TYR A 35 5.26 -10.26 26.96
CA TYR A 35 5.86 -9.75 28.20
C TYR A 35 5.45 -8.27 28.36
N CYS A 36 5.63 -7.51 27.30
CA CYS A 36 5.41 -6.03 27.32
C CYS A 36 3.94 -5.73 27.61
N LEU A 37 3.02 -6.35 26.87
CA LEU A 37 1.57 -6.08 27.04
C LEU A 37 1.08 -6.44 28.44
N ALA A 38 1.53 -7.56 29.02
CA ALA A 38 1.14 -7.94 30.40
C ALA A 38 1.60 -6.84 31.39
N ARG A 39 2.84 -6.36 31.27
CA ARG A 39 3.41 -5.34 32.18
C ARG A 39 2.60 -4.04 31.96
N LEU A 40 2.30 -3.71 30.72
CA LEU A 40 1.60 -2.44 30.40
C LEU A 40 0.19 -2.42 30.99
N MET A 41 -0.49 -3.56 31.09
CA MET A 41 -1.85 -3.61 31.67
C MET A 41 -1.82 -3.16 33.14
N ALA A 42 -0.65 -3.18 33.80
CA ALA A 42 -0.50 -2.82 35.24
C ALA A 42 0.26 -1.49 35.38
N ASP A 43 0.56 -0.82 34.26
CA ASP A 43 1.40 0.38 34.20
C ASP A 43 0.51 1.63 34.11
N ALA A 44 1.11 2.81 34.33
CA ALA A 44 0.51 4.12 34.00
C ALA A 44 0.01 4.09 32.55
N LEU A 45 0.71 3.39 31.65
CA LEU A 45 0.40 3.39 30.19
C LEU A 45 -0.76 2.47 29.83
N ARG A 46 -1.41 1.82 30.82
CA ARG A 46 -2.52 0.86 30.59
C ARG A 46 -3.50 1.41 29.54
N GLY A 47 -3.99 2.65 29.73
CA GLY A 47 -4.96 3.29 28.84
C GLY A 47 -4.38 3.78 27.52
N CYS A 48 -3.09 3.77 27.36
CA CYS A 48 -2.42 4.30 26.13
C CYS A 48 -2.14 3.19 25.13
N VAL A 49 -2.51 1.96 25.47
CA VAL A 49 -2.21 0.76 24.63
C VAL A 49 -3.50 0.00 24.46
N PRO A 50 -3.60 -0.86 23.43
CA PRO A 50 -4.77 -1.71 23.32
C PRO A 50 -4.83 -2.69 24.49
N ALA A 51 -6.04 -2.95 24.98
CA ALA A 51 -6.34 -3.97 26.01
C ALA A 51 -5.78 -5.32 25.53
N PHE A 52 -5.02 -5.96 26.41
CA PHE A 52 -4.40 -7.28 26.21
C PHE A 52 -5.16 -8.24 27.13
N HIS A 53 -5.85 -9.21 26.55
CA HIS A 53 -6.82 -10.09 27.25
C HIS A 53 -6.20 -11.48 27.51
N GLY A 54 -4.95 -11.69 27.12
CA GLY A 54 -4.26 -12.98 27.28
C GLY A 54 -3.97 -13.62 25.93
N VAL A 55 -3.67 -14.92 25.93
CA VAL A 55 -3.18 -15.64 24.71
C VAL A 55 -4.21 -16.72 24.38
N VAL A 56 -4.34 -17.01 23.09
CA VAL A 56 -5.24 -18.08 22.57
C VAL A 56 -4.47 -18.86 21.50
N GLU A 57 -4.78 -20.15 21.38
CA GLU A 57 -4.23 -21.04 20.33
C GLU A 57 -5.25 -21.08 19.19
N ARG A 58 -4.81 -20.79 17.97
CA ARG A 58 -5.66 -20.85 16.76
C ARG A 58 -4.90 -21.68 15.73
N ASP A 59 -5.28 -22.96 15.60
CA ASP A 59 -4.64 -23.95 14.68
C ASP A 59 -3.22 -24.23 15.18
N GLY A 60 -3.11 -24.67 16.44
CA GLY A 60 -1.83 -24.98 17.12
C GLY A 60 -0.82 -23.85 16.96
N GLU A 61 -1.25 -22.62 17.25
CA GLU A 61 -0.47 -21.38 17.01
C GLU A 61 -0.99 -20.32 17.99
N SER A 62 -0.09 -19.60 18.65
CA SER A 62 -0.41 -18.66 19.77
C SER A 62 -0.66 -17.25 19.22
N TYR A 63 -1.79 -16.65 19.61
CA TYR A 63 -2.13 -15.24 19.29
C TYR A 63 -2.33 -14.42 20.57
N LEU A 64 -1.82 -13.19 20.58
CA LEU A 64 -2.27 -12.15 21.56
C LEU A 64 -3.71 -11.78 21.23
N GLN A 65 -4.59 -11.82 22.22
CA GLN A 65 -6.00 -11.38 22.13
C GLN A 65 -6.04 -9.88 22.47
N LEU A 66 -6.14 -9.01 21.46
CA LEU A 66 -6.07 -7.54 21.67
C LEU A 66 -7.43 -6.88 21.42
N GLN A 67 -7.71 -5.81 22.14
CA GLN A 67 -8.67 -4.77 21.71
C GLN A 67 -8.40 -4.45 20.24
N ASP A 68 -9.42 -4.51 19.41
CA ASP A 68 -9.38 -3.94 18.05
C ASP A 68 -9.67 -2.46 18.21
N LEU A 69 -8.66 -1.63 18.01
CA LEU A 69 -8.79 -0.18 18.31
C LEU A 69 -9.78 0.48 17.35
N LEU A 70 -10.14 -0.19 16.24
CA LEU A 70 -11.05 0.41 15.21
C LEU A 70 -12.52 0.21 15.61
N ASP A 71 -12.79 -0.64 16.60
CA ASP A 71 -14.15 -1.16 16.90
C ASP A 71 -15.14 -0.02 17.23
N GLY A 72 -14.71 1.07 17.86
CA GLY A 72 -15.64 2.14 18.29
C GLY A 72 -15.89 3.18 17.21
N PHE A 73 -15.18 3.10 16.09
CA PHE A 73 -15.17 4.15 15.03
C PHE A 73 -16.16 3.77 13.93
N ASP A 74 -16.69 4.79 13.27
CA ASP A 74 -17.62 4.62 12.13
C ASP A 74 -16.85 4.98 10.87
N GLY A 75 -16.32 3.98 10.16
CA GLY A 75 -15.46 4.15 9.00
C GLY A 75 -14.15 4.85 9.36
N PRO A 76 -13.30 4.19 10.17
CA PRO A 76 -12.03 4.79 10.59
C PRO A 76 -10.99 5.15 9.52
N CYS A 77 -10.36 6.32 9.70
CA CYS A 77 -9.09 6.78 9.11
C CYS A 77 -7.99 6.42 10.10
N VAL A 78 -6.94 5.76 9.64
CA VAL A 78 -5.86 5.23 10.51
C VAL A 78 -4.51 5.70 9.97
N LEU A 79 -3.67 6.21 10.84
CA LEU A 79 -2.29 6.58 10.48
C LEU A 79 -1.37 5.89 11.48
N ASP A 80 -0.37 5.16 10.97
CA ASP A 80 0.66 4.45 11.76
C ASP A 80 1.91 5.32 11.74
N CYS A 81 2.38 5.74 12.93
CA CYS A 81 3.54 6.63 13.08
C CYS A 81 4.63 5.89 13.87
N LYS A 82 5.72 5.50 13.20
CA LYS A 82 6.80 4.69 13.82
C LYS A 82 7.62 5.62 14.71
N MET A 83 7.70 5.29 15.98
CA MET A 83 8.29 6.21 17.00
C MET A 83 9.76 5.84 17.25
N GLY A 84 10.62 6.85 17.38
CA GLY A 84 12.03 6.66 17.76
C GLY A 84 12.99 7.13 16.69
N VAL A 85 14.18 7.54 17.10
CA VAL A 85 15.27 7.89 16.14
C VAL A 85 15.93 6.59 15.65
N ARG A 86 15.80 5.50 16.37
CA ARG A 86 16.38 4.18 16.05
C ARG A 86 15.25 3.15 15.95
N THR A 87 15.29 2.30 14.92
CA THR A 87 14.20 1.34 14.59
C THR A 87 14.68 -0.12 14.65
N TYR A 88 15.88 -0.38 15.17
CA TYR A 88 16.46 -1.75 15.28
C TYR A 88 17.19 -1.86 16.62
N LEU A 89 17.28 -3.06 17.18
CA LEU A 89 18.02 -3.31 18.44
C LEU A 89 19.52 -3.22 18.18
N GLU A 90 20.30 -2.77 19.18
CA GLU A 90 21.77 -2.67 19.09
C GLU A 90 22.38 -4.05 18.78
N GLU A 91 21.73 -5.15 19.18
CA GLU A 91 22.21 -6.53 18.91
C GLU A 91 22.31 -6.77 17.40
N GLU A 92 21.46 -6.13 16.60
CA GLU A 92 21.53 -6.23 15.12
C GLU A 92 22.91 -5.76 14.63
N LEU A 93 23.50 -4.76 15.29
CA LEU A 93 24.86 -4.25 14.94
C LEU A 93 25.88 -5.34 15.27
N THR A 94 25.77 -5.96 16.45
CA THR A 94 26.62 -7.07 16.94
C THR A 94 26.55 -8.23 15.94
N LYS A 95 25.34 -8.67 15.57
CA LYS A 95 25.11 -9.79 14.62
C LYS A 95 25.70 -9.44 13.25
N ALA A 96 25.54 -8.20 12.79
CA ALA A 96 25.99 -7.72 11.46
C ALA A 96 27.52 -7.66 11.39
N ARG A 97 28.23 -7.64 12.52
CA ARG A 97 29.72 -7.59 12.57
C ARG A 97 30.32 -8.99 12.79
N GLU A 98 29.77 -9.78 13.71
CA GLU A 98 30.33 -11.10 14.09
C GLU A 98 29.96 -12.15 13.04
N ARG A 99 28.86 -11.95 12.31
CA ARG A 99 28.25 -13.01 11.45
C ARG A 99 27.15 -12.37 10.62
N PRO A 100 27.49 -11.54 9.61
CA PRO A 100 26.48 -10.86 8.81
C PRO A 100 25.58 -11.87 8.10
N LYS A 101 24.25 -11.64 8.12
CA LYS A 101 23.26 -12.36 7.28
C LYS A 101 22.85 -11.41 6.16
N LEU A 102 23.68 -11.32 5.13
CA LEU A 102 23.50 -10.38 4.00
C LEU A 102 22.08 -10.57 3.45
N ARG A 103 21.28 -9.50 3.48
CA ARG A 103 19.83 -9.52 3.15
C ARG A 103 19.66 -9.03 1.71
N LYS A 104 19.46 -9.94 0.77
CA LYS A 104 19.29 -9.59 -0.67
C LYS A 104 17.94 -8.88 -0.82
N ASP A 105 16.95 -9.33 -0.06
CA ASP A 105 15.60 -8.71 -0.01
C ASP A 105 15.75 -7.22 0.31
N MET A 106 16.59 -6.85 1.28
CA MET A 106 16.65 -5.42 1.73
C MET A 106 17.43 -4.58 0.72
N TYR A 107 18.46 -5.16 0.08
CA TYR A 107 19.17 -4.52 -1.05
C TYR A 107 18.13 -4.15 -2.13
N LYS A 108 17.28 -5.13 -2.47
CA LYS A 108 16.21 -4.97 -3.48
C LYS A 108 15.28 -3.85 -3.01
N LYS A 109 14.83 -3.88 -1.76
CA LYS A 109 13.89 -2.84 -1.23
C LYS A 109 14.58 -1.47 -1.24
N MET A 110 15.89 -1.44 -0.99
CA MET A 110 16.68 -0.19 -1.04
C MET A 110 16.79 0.28 -2.49
N LEU A 111 17.06 -0.68 -3.39
CA LEU A 111 17.24 -0.44 -4.84
C LEU A 111 15.99 0.25 -5.37
N ALA A 112 14.82 -0.31 -5.07
CA ALA A 112 13.52 0.23 -5.52
C ALA A 112 13.48 1.73 -5.18
N VAL A 113 13.59 2.10 -3.91
CA VAL A 113 13.50 3.53 -3.50
C VAL A 113 14.63 4.33 -4.15
N ASP A 114 15.86 3.83 -4.14
CA ASP A 114 17.00 4.60 -4.70
C ASP A 114 18.07 3.61 -5.16
N PRO A 115 18.17 3.37 -6.48
CA PRO A 115 19.21 2.49 -7.02
C PRO A 115 20.68 2.94 -6.80
N GLU A 116 20.92 4.21 -6.41
CA GLU A 116 22.27 4.81 -6.19
C GLU A 116 22.67 4.73 -4.71
N ALA A 117 21.74 4.43 -3.80
CA ALA A 117 21.99 4.48 -2.35
C ALA A 117 23.05 3.43 -1.97
N PRO A 118 22.98 2.19 -2.49
CA PRO A 118 23.94 1.16 -2.09
C PRO A 118 25.38 1.55 -2.46
N THR A 119 26.35 1.07 -1.68
CA THR A 119 27.81 1.21 -1.96
C THR A 119 28.24 0.22 -3.05
N GLU A 120 29.38 0.49 -3.68
CA GLU A 120 30.08 -0.42 -4.63
C GLU A 120 29.94 -1.88 -4.17
N GLU A 121 30.30 -2.14 -2.92
CA GLU A 121 30.40 -3.50 -2.37
C GLU A 121 28.99 -4.05 -2.19
N GLU A 122 28.04 -3.22 -1.72
CA GLU A 122 26.64 -3.69 -1.57
C GLU A 122 26.11 -4.09 -2.96
N HIS A 123 26.36 -3.28 -3.97
CA HIS A 123 25.99 -3.59 -5.38
C HIS A 123 26.55 -4.96 -5.76
N ALA A 124 27.83 -5.20 -5.47
CA ALA A 124 28.51 -6.44 -5.84
C ALA A 124 27.90 -7.61 -5.09
N GLN A 125 27.47 -7.41 -3.83
CA GLN A 125 26.87 -8.48 -3.00
C GLN A 125 25.39 -8.67 -3.39
N ARG A 126 24.77 -7.67 -4.03
CA ARG A 126 23.29 -7.56 -4.14
C ARG A 126 22.66 -7.87 -2.78
N ALA A 127 23.23 -7.29 -1.71
CA ALA A 127 22.80 -7.54 -0.33
C ALA A 127 23.35 -6.46 0.60
N VAL A 128 22.58 -6.10 1.63
CA VAL A 128 23.03 -5.12 2.66
C VAL A 128 22.76 -5.77 4.01
N THR A 129 23.33 -5.23 5.07
CA THR A 129 23.03 -5.71 6.45
C THR A 129 21.68 -5.11 6.85
N LYS A 130 21.00 -5.73 7.82
CA LYS A 130 19.72 -5.18 8.35
C LYS A 130 19.99 -3.77 8.89
N PRO A 131 20.92 -3.58 9.86
CA PRO A 131 21.16 -2.27 10.45
C PRO A 131 21.43 -1.18 9.41
N ARG A 132 22.21 -1.50 8.38
CA ARG A 132 22.54 -0.49 7.36
C ARG A 132 21.25 -0.12 6.62
N TYR A 133 20.39 -1.10 6.35
CA TYR A 133 19.12 -0.85 5.63
C TYR A 133 18.23 0.04 6.53
N MET A 134 18.15 -0.33 7.81
CA MET A 134 17.24 0.37 8.77
C MET A 134 17.76 1.79 9.01
N GLN A 135 19.09 1.97 9.07
CA GLN A 135 19.72 3.31 9.24
C GLN A 135 19.45 4.16 8.01
N TRP A 136 19.54 3.56 6.82
CA TRP A 136 19.25 4.28 5.55
C TRP A 136 17.78 4.76 5.58
N ARG A 137 16.84 3.87 5.92
CA ARG A 137 15.39 4.18 6.01
C ARG A 137 15.16 5.31 7.02
N GLU A 138 15.87 5.32 8.14
CA GLU A 138 15.75 6.37 9.18
C GLU A 138 16.18 7.72 8.59
N GLY A 139 17.21 7.74 7.74
CA GLY A 139 17.83 9.00 7.29
C GLY A 139 17.10 9.62 6.10
N ILE A 140 16.39 8.85 5.29
CA ILE A 140 15.68 9.42 4.10
C ILE A 140 14.23 9.76 4.49
N SER A 141 13.74 9.19 5.59
CA SER A 141 12.51 9.63 6.30
C SER A 141 12.84 10.65 7.39
N SER A 142 11.85 11.01 8.20
CA SER A 142 11.99 11.95 9.34
C SER A 142 12.57 11.27 10.60
N SER A 143 12.75 9.94 10.60
CA SER A 143 13.15 9.19 11.83
C SER A 143 14.40 9.82 12.46
N THR A 144 15.48 9.92 11.70
CA THR A 144 16.79 10.36 12.24
C THR A 144 16.64 11.78 12.83
N THR A 145 16.04 12.71 12.10
CA THR A 145 16.04 14.16 12.46
C THR A 145 14.89 14.48 13.43
N LEU A 146 13.70 13.91 13.24
CA LEU A 146 12.51 14.30 14.07
C LEU A 146 12.17 13.24 15.12
N GLY A 147 12.68 12.01 15.01
CA GLY A 147 12.44 10.93 15.98
C GLY A 147 11.12 10.23 15.79
N PHE A 148 10.50 10.37 14.62
CA PHE A 148 9.37 9.49 14.23
C PHE A 148 9.29 9.53 12.70
N ARG A 149 8.43 8.71 12.15
CA ARG A 149 8.09 8.77 10.72
C ARG A 149 6.69 8.20 10.52
N ILE A 150 6.00 8.77 9.55
CA ILE A 150 4.74 8.21 9.04
C ILE A 150 5.05 6.97 8.20
N GLU A 151 4.40 5.85 8.50
CA GLU A 151 4.56 4.57 7.78
C GLU A 151 3.38 4.34 6.84
N GLY A 152 2.17 4.75 7.25
CA GLY A 152 1.03 4.47 6.36
C GLY A 152 -0.26 5.10 6.81
N ILE A 153 -1.23 5.16 5.91
CA ILE A 153 -2.59 5.69 6.18
C ILE A 153 -3.62 4.74 5.57
N LYS A 154 -4.70 4.47 6.27
CA LYS A 154 -5.85 3.66 5.80
C LYS A 154 -7.07 4.57 5.93
N LYS A 155 -7.76 4.87 4.84
CA LYS A 155 -8.71 6.02 4.82
C LYS A 155 -10.13 5.48 4.93
N ALA A 156 -11.05 6.42 5.10
CA ALA A 156 -12.51 6.22 5.22
C ALA A 156 -13.12 5.91 3.84
N ASP A 157 -12.46 6.30 2.75
CA ASP A 157 -12.89 5.96 1.37
C ASP A 157 -12.30 4.61 0.91
N GLY A 158 -11.57 3.90 1.78
CA GLY A 158 -11.00 2.57 1.48
C GLY A 158 -9.58 2.67 0.92
N SER A 159 -9.18 3.87 0.48
CA SER A 159 -7.83 4.14 -0.07
C SER A 159 -6.80 4.01 1.05
N CYS A 160 -5.77 3.20 0.83
CA CYS A 160 -4.62 3.01 1.75
C CYS A 160 -3.35 3.48 1.04
N SER A 161 -2.35 3.92 1.79
CA SER A 161 -1.06 4.38 1.25
C SER A 161 0.09 4.11 2.22
N THR A 162 1.18 3.56 1.70
CA THR A 162 2.42 3.33 2.49
C THR A 162 3.57 4.07 1.83
N ASP A 163 3.25 5.06 1.01
CA ASP A 163 4.23 5.75 0.13
C ASP A 163 4.87 6.93 0.86
N PHE A 164 5.53 6.71 2.01
CA PHE A 164 6.09 7.80 2.87
C PHE A 164 7.59 7.63 3.15
N LYS A 165 8.31 6.84 2.37
CA LYS A 165 9.73 6.53 2.67
C LYS A 165 10.61 7.77 2.55
N THR A 166 10.25 8.78 1.76
CA THR A 166 11.08 10.00 1.65
C THR A 166 10.33 11.20 2.21
N THR A 167 9.32 10.96 3.05
CA THR A 167 8.66 12.01 3.85
C THR A 167 9.56 12.34 5.03
N ARG A 168 10.21 13.52 5.03
CA ARG A 168 11.35 13.81 5.95
C ARG A 168 11.27 15.20 6.60
N SER A 169 10.97 16.23 5.84
CA SER A 169 10.97 17.62 6.37
C SER A 169 9.79 17.75 7.33
N ARG A 170 9.91 18.64 8.29
CA ARG A 170 8.83 18.96 9.25
C ARG A 170 7.58 19.32 8.45
N GLU A 171 7.74 20.16 7.43
CA GLU A 171 6.63 20.63 6.57
C GLU A 171 6.06 19.48 5.73
N GLN A 172 6.89 18.56 5.24
CA GLN A 172 6.38 17.36 4.53
C GLN A 172 5.48 16.54 5.46
N VAL A 173 5.89 16.37 6.71
CA VAL A 173 5.10 15.55 7.70
C VAL A 173 3.81 16.29 8.03
N LEU A 174 3.90 17.59 8.24
CA LEU A 174 2.70 18.44 8.50
C LEU A 174 1.70 18.24 7.36
N ARG A 175 2.15 18.25 6.11
CA ARG A 175 1.22 18.14 4.95
C ARG A 175 0.52 16.77 4.97
N VAL A 176 1.16 15.71 5.47
CA VAL A 176 0.50 14.39 5.53
C VAL A 176 -0.62 14.45 6.58
N PHE A 177 -0.31 14.99 7.75
CA PHE A 177 -1.32 15.13 8.83
C PHE A 177 -2.46 16.06 8.37
N GLU A 178 -2.11 17.14 7.68
CA GLU A 178 -3.13 18.07 7.09
C GLU A 178 -4.10 17.28 6.21
N GLU A 179 -3.58 16.47 5.30
CA GLU A 179 -4.39 15.67 4.38
C GLU A 179 -5.16 14.61 5.16
N PHE A 180 -4.54 14.03 6.18
CA PHE A 180 -5.15 12.95 6.99
C PHE A 180 -6.38 13.51 7.75
N VAL A 181 -6.28 14.68 8.35
CA VAL A 181 -7.39 15.20 9.21
C VAL A 181 -8.41 15.96 8.36
N GLN A 182 -8.11 16.28 7.11
CA GLN A 182 -9.08 16.86 6.13
C GLN A 182 -9.90 17.99 6.77
N GLY A 183 -9.24 18.92 7.45
CA GLY A 183 -9.84 20.17 7.94
C GLY A 183 -10.71 19.97 9.18
N ASP A 184 -10.66 18.80 9.81
CA ASP A 184 -11.52 18.52 10.99
C ASP A 184 -10.81 19.04 12.23
N GLU A 185 -11.18 20.24 12.67
CA GLU A 185 -10.52 20.94 13.81
C GLU A 185 -10.75 20.12 15.09
N GLU A 186 -11.88 19.46 15.21
CA GLU A 186 -12.24 18.74 16.45
C GLU A 186 -11.34 17.52 16.55
N VAL A 187 -11.16 16.80 15.44
CA VAL A 187 -10.24 15.62 15.40
C VAL A 187 -8.85 16.08 15.81
N LEU A 188 -8.36 17.20 15.25
CA LEU A 188 -6.96 17.63 15.47
C LEU A 188 -6.78 18.05 16.93
N ARG A 189 -7.76 18.75 17.49
CA ARG A 189 -7.72 19.17 18.92
C ARG A 189 -7.70 17.90 19.79
N ARG A 190 -8.52 16.94 19.47
CA ARG A 190 -8.63 15.67 20.23
C ARG A 190 -7.32 14.87 20.13
N TYR A 191 -6.73 14.79 18.94
CA TYR A 191 -5.40 14.16 18.77
C TYR A 191 -4.37 14.86 19.68
N LEU A 192 -4.33 16.19 19.66
CA LEU A 192 -3.33 16.95 20.43
C LEU A 192 -3.55 16.74 21.94
N ASN A 193 -4.82 16.74 22.38
CA ASN A 193 -5.14 16.52 23.83
C ASN A 193 -4.65 15.12 24.22
N ARG A 194 -4.89 14.15 23.35
CA ARG A 194 -4.47 12.75 23.60
C ARG A 194 -2.94 12.68 23.62
N LEU A 195 -2.22 13.29 22.69
CA LEU A 195 -0.74 13.20 22.66
C LEU A 195 -0.15 13.86 23.90
N GLN A 196 -0.72 15.00 24.33
CA GLN A 196 -0.24 15.69 25.56
C GLN A 196 -0.38 14.73 26.74
N GLN A 197 -1.48 14.01 26.83
CA GLN A 197 -1.80 13.12 27.97
C GLN A 197 -0.90 11.89 27.87
N ILE A 198 -0.72 11.38 26.66
CA ILE A 198 0.25 10.27 26.45
C ILE A 198 1.63 10.70 26.91
N ARG A 199 2.14 11.87 26.50
CA ARG A 199 3.50 12.35 26.87
C ARG A 199 3.60 12.41 28.41
N ASP A 200 2.59 12.98 29.07
CA ASP A 200 2.55 13.04 30.56
C ASP A 200 2.63 11.63 31.13
N THR A 201 1.90 10.68 30.54
CA THR A 201 1.83 9.31 31.06
C THR A 201 3.18 8.63 30.86
N LEU A 202 3.81 8.78 29.69
CA LEU A 202 5.16 8.22 29.41
C LEU A 202 6.18 8.76 30.43
N GLU A 203 6.07 10.04 30.75
CA GLU A 203 7.08 10.73 31.57
C GLU A 203 7.01 10.24 33.02
N VAL A 204 5.93 9.57 33.41
CA VAL A 204 5.80 9.04 34.80
C VAL A 204 5.80 7.52 34.79
N SER A 205 5.60 6.88 33.64
CA SER A 205 5.54 5.41 33.50
C SER A 205 6.81 4.73 34.03
N GLU A 206 6.64 3.74 34.92
CA GLU A 206 7.74 2.88 35.42
C GLU A 206 8.21 1.98 34.28
N PHE A 207 7.26 1.48 33.48
CA PHE A 207 7.59 0.64 32.31
C PHE A 207 8.45 1.43 31.32
N PHE A 208 8.03 2.64 30.97
CA PHE A 208 8.75 3.46 29.98
C PHE A 208 10.18 3.78 30.44
N ARG A 209 10.38 4.12 31.71
CA ARG A 209 11.71 4.47 32.24
C ARG A 209 12.64 3.23 32.22
N ARG A 210 12.10 2.00 32.26
N ARG A 210 12.10 2.00 32.27
CA ARG A 210 12.85 0.72 32.43
CA ARG A 210 12.86 0.73 32.43
C ARG A 210 12.95 -0.06 31.11
C ARG A 210 12.91 -0.08 31.11
N HIS A 211 12.49 0.49 29.98
CA HIS A 211 12.43 -0.23 28.69
C HIS A 211 12.92 0.63 27.53
N GLU A 212 13.66 -0.02 26.64
CA GLU A 212 14.15 0.53 25.37
C GLU A 212 13.02 0.30 24.37
N VAL A 213 12.39 1.37 23.89
CA VAL A 213 11.13 1.23 23.12
C VAL A 213 11.45 1.45 21.64
N ILE A 214 11.69 0.33 20.95
CA ILE A 214 12.15 0.30 19.54
C ILE A 214 11.08 -0.39 18.72
N GLY A 215 10.81 0.13 17.53
CA GLY A 215 9.88 -0.51 16.57
C GLY A 215 8.41 -0.25 16.89
N SER A 216 8.09 0.55 17.91
CA SER A 216 6.69 0.79 18.32
C SER A 216 6.13 1.90 17.45
N SER A 217 4.81 1.96 17.35
CA SER A 217 4.13 3.02 16.60
C SER A 217 3.14 3.74 17.51
N LEU A 218 2.78 4.96 17.15
CA LEU A 218 1.52 5.57 17.61
C LEU A 218 0.48 5.40 16.51
N LEU A 219 -0.65 4.83 16.83
CA LEU A 219 -1.75 4.62 15.87
C LEU A 219 -2.78 5.71 16.11
N PHE A 220 -2.92 6.62 15.14
CA PHE A 220 -3.98 7.66 15.08
C PHE A 220 -5.19 7.09 14.37
N VAL A 221 -6.36 7.19 15.03
CA VAL A 221 -7.65 6.68 14.51
C VAL A 221 -8.67 7.78 14.68
N HIS A 222 -9.44 8.07 13.63
CA HIS A 222 -10.54 9.05 13.71
C HIS A 222 -11.60 8.67 12.68
N ASP A 223 -12.78 9.25 12.83
CA ASP A 223 -13.89 9.01 11.91
C ASP A 223 -14.61 10.33 11.64
N HIS A 224 -15.61 10.25 10.79
CA HIS A 224 -16.36 11.42 10.26
C HIS A 224 -17.28 11.96 11.34
N CYS A 225 -17.51 11.20 12.42
CA CYS A 225 -18.24 11.66 13.63
C CYS A 225 -17.31 12.39 14.60
N HIS A 226 -16.05 12.58 14.21
CA HIS A 226 -15.03 13.40 14.91
C HIS A 226 -14.47 12.64 16.10
N ARG A 227 -14.79 11.35 16.25
CA ARG A 227 -14.13 10.49 17.26
C ARG A 227 -12.64 10.45 16.88
N ALA A 228 -11.75 10.53 17.86
CA ALA A 228 -10.29 10.54 17.61
C ALA A 228 -9.59 9.89 18.80
N GLY A 229 -8.70 8.94 18.53
CA GLY A 229 -7.88 8.29 19.55
C GLY A 229 -6.48 8.05 19.03
N VAL A 230 -5.54 7.87 19.94
CA VAL A 230 -4.13 7.53 19.65
C VAL A 230 -3.74 6.47 20.68
N TRP A 231 -3.05 5.42 20.23
CA TRP A 231 -2.53 4.36 21.11
C TRP A 231 -1.13 3.98 20.68
N LEU A 232 -0.30 3.59 21.63
CA LEU A 232 1.01 2.93 21.35
C LEU A 232 0.69 1.49 20.95
N ILE A 233 1.32 1.01 19.89
CA ILE A 233 1.20 -0.42 19.48
C ILE A 233 2.58 -0.96 19.17
N ASP A 234 2.67 -2.29 19.13
CA ASP A 234 3.79 -3.05 18.58
C ASP A 234 4.97 -3.01 19.54
N PHE A 235 4.95 -3.91 20.51
CA PHE A 235 6.00 -4.03 21.54
C PHE A 235 6.88 -5.25 21.22
N GLY A 236 6.99 -5.62 19.94
CA GLY A 236 7.83 -6.76 19.51
C GLY A 236 9.32 -6.54 19.72
N LYS A 237 9.80 -5.28 19.71
CA LYS A 237 11.25 -4.96 19.88
C LYS A 237 11.45 -4.06 21.11
N THR A 238 10.48 -3.97 22.00
CA THR A 238 10.62 -3.22 23.27
C THR A 238 11.25 -4.18 24.30
N THR A 239 12.43 -3.84 24.81
CA THR A 239 13.26 -4.74 25.64
C THR A 239 13.60 -4.09 26.98
N PRO A 240 13.48 -4.85 28.09
CA PRO A 240 13.82 -4.35 29.41
C PRO A 240 15.32 -4.05 29.47
N LEU A 241 15.67 -2.89 30.02
CA LEU A 241 17.06 -2.47 30.27
C LEU A 241 17.64 -3.35 31.38
N PRO A 242 18.96 -3.62 31.36
CA PRO A 242 19.56 -4.48 32.38
C PRO A 242 19.49 -3.82 33.76
N ASP A 243 19.53 -4.63 34.82
CA ASP A 243 19.67 -4.22 36.25
C ASP A 243 18.73 -3.02 36.50
N GLY A 244 19.25 -1.91 37.03
CA GLY A 244 18.45 -0.70 37.35
C GLY A 244 18.77 0.47 36.41
N GLN A 245 19.19 0.20 35.17
CA GLN A 245 19.52 1.23 34.14
C GLN A 245 18.20 1.86 33.65
N ILE A 246 18.24 3.15 33.26
CA ILE A 246 17.04 3.91 32.79
C ILE A 246 17.47 4.83 31.63
N LEU A 247 16.52 5.14 30.74
CA LEU A 247 16.73 6.03 29.58
C LEU A 247 16.03 7.37 29.84
N ASP A 248 16.55 8.47 29.26
CA ASP A 248 15.85 9.78 29.25
C ASP A 248 14.92 9.85 28.02
N HIS A 249 15.14 9.02 26.99
CA HIS A 249 14.25 8.86 25.82
C HIS A 249 14.29 10.12 24.95
N ARG A 250 15.19 11.06 25.22
CA ARG A 250 15.33 12.31 24.45
C ARG A 250 16.75 12.43 23.90
N ARG A 251 17.76 11.96 24.63
CA ARG A 251 19.15 12.26 24.23
C ARG A 251 19.48 11.42 23.00
N PRO A 252 20.44 11.85 22.16
CA PRO A 252 20.80 11.11 20.96
C PRO A 252 21.28 9.67 21.24
N TRP A 253 20.99 8.78 20.31
CA TRP A 253 21.45 7.38 20.43
C TRP A 253 22.94 7.32 20.11
N GLU A 254 23.68 6.53 20.87
CA GLU A 254 25.10 6.19 20.60
C GLU A 254 25.29 4.77 21.12
N GLU A 255 25.71 3.87 20.22
CA GLU A 255 25.76 2.42 20.49
C GLU A 255 26.26 2.18 21.92
N GLY A 256 25.50 1.42 22.72
CA GLY A 256 25.81 1.15 24.13
C GLY A 256 24.88 1.88 25.10
N ASN A 257 24.42 3.10 24.77
CA ASN A 257 23.52 3.91 25.66
C ASN A 257 22.05 3.45 25.49
N ARG A 258 21.73 2.76 24.40
CA ARG A 258 20.43 2.08 24.16
C ARG A 258 19.28 3.09 24.06
N GLU A 259 19.59 4.35 23.76
CA GLU A 259 18.60 5.46 23.73
C GLU A 259 17.76 5.29 22.46
N ASP A 260 16.46 5.63 22.53
CA ASP A 260 15.50 5.40 21.44
C ASP A 260 15.03 6.71 20.83
N GLY A 261 15.22 7.84 21.51
CA GLY A 261 14.70 9.15 21.07
C GLY A 261 13.18 9.15 20.95
N TYR A 262 12.51 8.28 21.70
CA TYR A 262 11.03 8.15 21.63
C TYR A 262 10.40 9.51 21.97
N LEU A 263 10.84 10.17 23.04
CA LEU A 263 10.19 11.42 23.52
C LEU A 263 10.67 12.60 22.69
N LEU A 264 11.84 12.53 22.07
CA LEU A 264 12.20 13.53 21.04
C LEU A 264 11.18 13.46 19.90
N GLY A 265 10.85 12.25 19.45
CA GLY A 265 9.79 12.01 18.44
C GLY A 265 8.46 12.59 18.86
N LEU A 266 8.02 12.25 20.05
CA LEU A 266 6.69 12.68 20.54
C LEU A 266 6.70 14.22 20.69
N ASP A 267 7.79 14.80 21.20
CA ASP A 267 7.87 16.28 21.37
C ASP A 267 7.68 16.91 19.99
N ASN A 268 8.37 16.39 18.97
CA ASN A 268 8.32 16.97 17.61
C ASN A 268 6.92 16.77 17.03
N LEU A 269 6.33 15.62 17.27
CA LEU A 269 5.02 15.26 16.71
C LEU A 269 3.96 16.21 17.24
N ILE A 270 3.99 16.43 18.56
CA ILE A 270 3.07 17.38 19.23
C ILE A 270 3.31 18.77 18.63
N GLY A 271 4.58 19.17 18.46
CA GLY A 271 4.95 20.46 17.84
C GLY A 271 4.32 20.64 16.46
N ILE A 272 4.29 19.59 15.65
CA ILE A 272 3.83 19.66 14.24
C ILE A 272 2.31 19.76 14.20
N LEU A 273 1.63 18.96 15.02
CA LEU A 273 0.16 19.03 15.15
C LEU A 273 -0.27 20.38 15.74
N ALA A 274 0.48 20.95 16.69
CA ALA A 274 0.18 22.27 17.30
C ALA A 274 0.33 23.36 16.22
N SER A 275 1.36 23.26 15.39
CA SER A 275 1.57 24.16 14.22
C SER A 275 0.40 24.06 13.27
N LEU A 276 0.01 22.84 12.93
CA LEU A 276 -1.07 22.58 11.96
C LEU A 276 -2.36 23.19 12.49
N ALA A 277 -2.60 23.15 13.81
CA ALA A 277 -3.86 23.62 14.43
C ALA A 277 -3.94 25.14 14.31
N GLU A 278 -2.81 25.82 14.17
CA GLU A 278 -2.78 27.30 14.05
C GLU A 278 -2.75 27.75 12.58
N ARG A 279 -2.72 26.84 11.61
CA ARG A 279 -2.64 27.18 10.16
C ARG A 279 -4.00 27.63 9.66
N GLY B 1 11.52 -9.58 -11.82
CA GLY B 1 10.45 -9.12 -10.87
C GLY B 1 9.35 -10.17 -10.72
N SER B 2 8.59 -10.08 -9.62
CA SER B 2 7.55 -11.08 -9.25
C SER B 2 6.41 -10.32 -8.57
N HIS B 3 5.17 -10.58 -8.99
CA HIS B 3 3.99 -9.96 -8.32
C HIS B 3 3.86 -10.53 -6.91
N MET B 4 3.87 -11.87 -6.76
CA MET B 4 3.66 -12.57 -5.46
C MET B 4 4.70 -12.11 -4.44
N SER B 5 5.90 -11.73 -4.91
CA SER B 5 6.98 -11.12 -4.08
C SER B 5 6.48 -9.81 -3.48
N TRP B 6 5.87 -8.94 -4.30
CA TRP B 6 5.22 -7.69 -3.80
C TRP B 6 4.07 -8.07 -2.85
N VAL B 7 3.20 -9.01 -3.24
CA VAL B 7 2.05 -9.51 -2.44
C VAL B 7 2.54 -9.98 -1.05
N GLN B 8 3.73 -10.62 -0.97
CA GLN B 8 4.32 -11.03 0.33
C GLN B 8 4.68 -9.79 1.15
N LEU B 9 5.47 -8.86 0.58
CA LEU B 9 5.89 -7.59 1.26
C LEU B 9 4.67 -6.78 1.71
N ALA B 10 3.65 -6.65 0.83
CA ALA B 10 2.35 -5.99 1.12
C ALA B 10 1.31 -7.03 1.53
N THR B 13 -3.10 -9.47 -2.47
CA THR B 13 -3.33 -10.68 -1.62
C THR B 13 -4.77 -11.20 -1.84
N GLY B 14 -5.23 -11.26 -3.09
CA GLY B 14 -6.62 -11.64 -3.44
C GLY B 14 -6.68 -12.90 -4.29
N SER B 15 -6.68 -12.74 -5.62
CA SER B 15 -7.04 -13.80 -6.60
C SER B 15 -5.82 -14.63 -7.00
N PHE B 16 -4.63 -14.25 -6.54
CA PHE B 16 -3.35 -14.74 -7.10
C PHE B 16 -2.63 -15.61 -6.07
N LYS B 17 -1.82 -16.56 -6.56
CA LYS B 17 -0.89 -17.35 -5.72
C LYS B 17 0.31 -17.76 -6.56
N ALA B 18 1.43 -18.08 -5.89
CA ALA B 18 2.73 -18.43 -6.51
C ALA B 18 2.53 -19.61 -7.45
N ALA B 19 3.22 -19.58 -8.59
CA ALA B 19 3.28 -20.68 -9.58
C ALA B 19 4.58 -21.45 -9.36
N GLY B 20 4.57 -22.77 -9.58
CA GLY B 20 5.75 -23.63 -9.43
C GLY B 20 6.80 -23.33 -10.49
N THR B 21 6.38 -22.85 -11.66
CA THR B 21 7.24 -22.51 -12.82
C THR B 21 7.67 -21.04 -12.73
N SER B 22 8.96 -20.78 -12.87
CA SER B 22 9.50 -19.39 -12.84
C SER B 22 8.83 -18.58 -13.96
N GLY B 23 8.55 -17.30 -13.69
CA GLY B 23 8.04 -16.34 -14.68
C GLY B 23 6.55 -16.45 -14.89
N LEU B 24 5.88 -17.34 -14.16
CA LEU B 24 4.41 -17.54 -14.23
C LEU B 24 3.77 -17.08 -12.92
N ILE B 25 2.45 -16.97 -12.94
CA ILE B 25 1.65 -16.64 -11.74
C ILE B 25 0.28 -17.28 -11.93
N LEU B 26 -0.39 -17.62 -10.85
CA LEU B 26 -1.72 -18.28 -10.93
C LEU B 26 -2.75 -17.26 -10.51
N LYS B 27 -3.83 -17.16 -11.27
CA LYS B 27 -5.00 -16.34 -10.88
C LYS B 27 -6.19 -17.29 -10.69
N ARG B 28 -6.96 -17.10 -9.61
CA ARG B 28 -8.18 -17.91 -9.36
C ARG B 28 -9.07 -17.85 -10.61
N CYS B 29 -9.42 -19.02 -11.13
CA CYS B 29 -10.12 -19.19 -12.44
C CYS B 29 -11.58 -18.76 -12.32
N SER B 30 -11.98 -17.81 -13.17
CA SER B 30 -13.38 -17.41 -13.47
C SER B 30 -13.66 -17.74 -14.93
N GLU B 31 -14.83 -18.28 -15.24
CA GLU B 31 -15.12 -18.83 -16.60
C GLU B 31 -15.09 -17.68 -17.61
N PRO B 32 -15.75 -16.53 -17.34
CA PRO B 32 -15.71 -15.41 -18.28
C PRO B 32 -14.24 -15.08 -18.62
N GLU B 33 -13.40 -14.94 -17.60
CA GLU B 33 -11.99 -14.54 -17.80
C GLU B 33 -11.27 -15.61 -18.59
N ARG B 34 -11.43 -16.89 -18.23
CA ARG B 34 -10.80 -18.01 -18.94
C ARG B 34 -11.19 -17.93 -20.42
N TYR B 35 -12.49 -17.87 -20.70
CA TYR B 35 -13.02 -17.79 -22.08
C TYR B 35 -12.24 -16.70 -22.84
N CYS B 36 -12.21 -15.48 -22.28
CA CYS B 36 -11.53 -14.28 -22.86
C CYS B 36 -10.06 -14.58 -23.17
N LEU B 37 -9.29 -15.05 -22.19
CA LEU B 37 -7.83 -15.23 -22.38
C LEU B 37 -7.58 -16.29 -23.45
N ALA B 38 -8.42 -17.34 -23.50
CA ALA B 38 -8.36 -18.36 -24.56
C ALA B 38 -8.47 -17.66 -25.93
N ARG B 39 -9.53 -16.86 -26.10
CA ARG B 39 -9.80 -16.07 -27.33
C ARG B 39 -8.63 -15.11 -27.61
N LEU B 40 -8.13 -14.42 -26.58
CA LEU B 40 -7.10 -13.37 -26.77
C LEU B 40 -5.81 -13.99 -27.30
N MET B 41 -5.49 -15.25 -26.93
CA MET B 41 -4.23 -15.89 -27.39
C MET B 41 -4.20 -16.05 -28.92
N ALA B 42 -5.38 -16.13 -29.54
CA ALA B 42 -5.61 -16.28 -30.99
C ALA B 42 -6.09 -14.95 -31.59
N ASP B 43 -5.99 -13.84 -30.88
CA ASP B 43 -6.50 -12.51 -31.36
C ASP B 43 -5.33 -11.59 -31.66
N ALA B 44 -5.60 -10.50 -32.39
CA ALA B 44 -4.67 -9.37 -32.60
C ALA B 44 -4.05 -8.94 -31.26
N LEU B 45 -4.83 -9.03 -30.18
CA LEU B 45 -4.46 -8.51 -28.83
C LEU B 45 -3.52 -9.45 -28.07
N ARG B 46 -3.17 -10.59 -28.66
CA ARG B 46 -2.33 -11.62 -28.01
C ARG B 46 -1.14 -11.01 -27.29
N GLY B 47 -0.37 -10.15 -27.97
CA GLY B 47 0.82 -9.45 -27.44
C GLY B 47 0.53 -8.43 -26.34
N CYS B 48 -0.72 -8.00 -26.20
CA CYS B 48 -1.11 -6.87 -25.35
C CYS B 48 -1.67 -7.38 -24.02
N VAL B 49 -1.72 -8.71 -23.85
CA VAL B 49 -2.32 -9.31 -22.63
C VAL B 49 -1.33 -10.32 -22.09
N PRO B 50 -1.38 -10.67 -20.79
CA PRO B 50 -0.49 -11.71 -20.28
C PRO B 50 -0.74 -13.04 -21.01
N ALA B 51 0.34 -13.76 -21.28
CA ALA B 51 0.26 -15.13 -21.84
C ALA B 51 -0.61 -15.96 -20.90
N PHE B 52 -1.57 -16.69 -21.47
CA PHE B 52 -2.46 -17.65 -20.77
C PHE B 52 -2.08 -19.05 -21.26
N HIS B 53 -1.68 -19.93 -20.34
CA HIS B 53 -1.11 -21.25 -20.69
C HIS B 53 -2.10 -22.38 -20.42
N GLY B 54 -3.25 -22.06 -19.85
CA GLY B 54 -4.29 -23.04 -19.53
C GLY B 54 -4.63 -23.00 -18.07
N VAL B 55 -5.57 -23.84 -17.65
CA VAL B 55 -6.04 -23.88 -16.24
C VAL B 55 -5.39 -25.10 -15.56
N VAL B 56 -4.87 -24.88 -14.36
CA VAL B 56 -4.22 -25.92 -13.51
C VAL B 56 -5.02 -26.04 -12.22
N GLU B 57 -4.88 -27.18 -11.53
CA GLU B 57 -5.51 -27.41 -10.20
C GLU B 57 -4.42 -27.27 -9.14
N ARG B 58 -4.63 -26.42 -8.13
CA ARG B 58 -3.68 -26.27 -7.00
C ARG B 58 -4.49 -26.26 -5.71
N ASP B 59 -4.16 -27.18 -4.80
CA ASP B 59 -4.76 -27.28 -3.44
C ASP B 59 -6.29 -27.33 -3.58
N GLY B 60 -6.80 -28.14 -4.51
CA GLY B 60 -8.24 -28.37 -4.71
C GLY B 60 -8.97 -27.15 -5.30
N GLU B 61 -8.29 -26.32 -6.09
CA GLU B 61 -8.94 -25.15 -6.75
C GLU B 61 -8.33 -24.95 -8.13
N SER B 62 -9.13 -24.45 -9.09
CA SER B 62 -8.73 -24.22 -10.50
C SER B 62 -8.15 -22.81 -10.65
N TYR B 63 -6.97 -22.70 -11.27
CA TYR B 63 -6.22 -21.44 -11.41
C TYR B 63 -5.84 -21.22 -12.87
N LEU B 64 -5.93 -19.97 -13.31
CA LEU B 64 -5.36 -19.56 -14.63
C LEU B 64 -3.85 -19.53 -14.45
N GLN B 65 -3.14 -20.23 -15.32
CA GLN B 65 -1.66 -20.15 -15.32
C GLN B 65 -1.30 -19.01 -16.27
N LEU B 66 -0.82 -17.90 -15.72
CA LEU B 66 -0.54 -16.67 -16.52
C LEU B 66 0.94 -16.36 -16.50
N GLN B 67 1.39 -15.66 -17.53
CA GLN B 67 2.67 -14.94 -17.51
C GLN B 67 2.67 -13.94 -16.33
N ASP B 68 3.73 -13.92 -15.53
CA ASP B 68 3.96 -12.86 -14.53
C ASP B 68 4.58 -11.66 -15.25
N LEU B 69 3.82 -10.58 -15.45
CA LEU B 69 4.28 -9.41 -16.26
C LEU B 69 5.46 -8.70 -15.59
N LEU B 70 5.73 -8.94 -14.30
CA LEU B 70 6.85 -8.29 -13.60
C LEU B 70 8.16 -9.05 -13.86
N ASP B 71 8.08 -10.25 -14.42
CA ASP B 71 9.23 -11.18 -14.47
C ASP B 71 10.41 -10.52 -15.17
N GLY B 72 10.15 -9.85 -16.30
CA GLY B 72 11.22 -9.25 -17.12
C GLY B 72 11.80 -7.97 -16.53
N PHE B 73 11.40 -7.51 -15.34
CA PHE B 73 11.78 -6.18 -14.79
C PHE B 73 12.60 -6.35 -13.52
N ASP B 74 13.43 -5.36 -13.21
N ASP B 74 13.40 -5.35 -13.21
CA ASP B 74 14.27 -5.29 -11.99
CA ASP B 74 14.27 -5.26 -12.00
C ASP B 74 13.64 -4.30 -11.00
C ASP B 74 13.64 -4.29 -11.00
N GLY B 75 12.83 -4.81 -10.07
CA GLY B 75 12.23 -3.99 -8.99
C GLY B 75 11.15 -3.10 -9.58
N PRO B 76 10.16 -3.69 -10.27
CA PRO B 76 9.23 -2.90 -11.07
C PRO B 76 8.33 -1.97 -10.24
N CYS B 77 8.00 -0.80 -10.79
CA CYS B 77 6.94 0.14 -10.33
C CYS B 77 5.69 -0.19 -11.17
N VAL B 78 4.51 -0.25 -10.55
CA VAL B 78 3.30 -0.74 -11.25
C VAL B 78 2.16 0.25 -11.05
N LEU B 79 1.52 0.69 -12.12
CA LEU B 79 0.32 1.54 -11.98
C LEU B 79 -0.83 0.80 -12.65
N ASP B 80 -1.95 0.62 -11.95
CA ASP B 80 -3.14 -0.09 -12.46
C ASP B 80 -4.21 0.96 -12.78
N CYS B 81 -4.62 1.01 -14.04
CA CYS B 81 -5.58 1.99 -14.57
C CYS B 81 -6.87 1.26 -14.99
N LYS B 82 -7.98 1.47 -14.28
CA LYS B 82 -9.26 0.81 -14.59
C LYS B 82 -9.86 1.48 -15.84
N MET B 83 -10.14 0.71 -16.87
CA MET B 83 -10.55 1.28 -18.17
C MET B 83 -12.07 1.28 -18.29
N GLY B 84 -12.61 2.41 -18.77
CA GLY B 84 -14.01 2.48 -19.25
C GLY B 84 -14.77 3.57 -18.53
N VAL B 85 -15.83 4.04 -19.17
CA VAL B 85 -16.74 5.05 -18.57
C VAL B 85 -17.67 4.35 -17.58
N ARG B 86 -17.83 3.03 -17.73
CA ARG B 86 -18.72 2.18 -16.91
C ARG B 86 -17.88 1.03 -16.34
N THR B 87 -18.04 0.75 -15.03
CA THR B 87 -17.24 -0.27 -14.28
C THR B 87 -18.10 -1.45 -13.79
N TYR B 88 -19.32 -1.62 -14.27
CA TYR B 88 -20.27 -2.68 -13.83
C TYR B 88 -21.09 -3.16 -15.02
N LEU B 89 -21.59 -4.39 -14.96
CA LEU B 89 -22.36 -4.98 -16.08
C LEU B 89 -23.76 -4.37 -16.07
N GLU B 90 -24.43 -4.36 -17.21
CA GLU B 90 -25.81 -3.83 -17.36
C GLU B 90 -26.78 -4.74 -16.58
N GLU B 91 -26.47 -6.03 -16.49
CA GLU B 91 -27.30 -7.02 -15.74
C GLU B 91 -27.43 -6.56 -14.28
N GLU B 92 -26.63 -5.60 -13.82
CA GLU B 92 -26.65 -5.11 -12.41
C GLU B 92 -27.73 -4.04 -12.21
N LEU B 93 -28.13 -3.32 -13.24
CA LEU B 93 -29.17 -2.25 -13.14
C LEU B 93 -30.54 -2.91 -12.97
N THR B 94 -30.77 -4.03 -13.68
CA THR B 94 -32.02 -4.83 -13.65
C THR B 94 -31.92 -5.84 -12.48
N THR B 129 -27.69 1.75 -3.43
CA THR B 129 -27.64 0.52 -4.27
C THR B 129 -26.26 0.39 -4.91
N LYS B 130 -25.91 -0.80 -5.40
CA LYS B 130 -24.60 -1.10 -6.06
C LYS B 130 -24.39 -0.15 -7.25
N PRO B 131 -25.28 -0.12 -8.25
CA PRO B 131 -25.13 0.78 -9.38
C PRO B 131 -24.89 2.22 -8.93
N ARG B 132 -25.67 2.67 -7.95
CA ARG B 132 -25.61 4.06 -7.42
C ARG B 132 -24.20 4.30 -6.85
N TYR B 133 -23.64 3.32 -6.15
CA TYR B 133 -22.28 3.37 -5.55
C TYR B 133 -21.25 3.40 -6.68
N MET B 134 -21.30 2.38 -7.55
CA MET B 134 -20.37 2.24 -8.71
C MET B 134 -20.44 3.50 -9.56
N GLN B 135 -21.64 4.03 -9.83
CA GLN B 135 -21.82 5.29 -10.60
C GLN B 135 -21.23 6.47 -9.84
N TRP B 136 -21.38 6.52 -8.51
N TRP B 136 -21.38 6.52 -8.51
CA TRP B 136 -20.81 7.61 -7.65
CA TRP B 136 -20.82 7.61 -7.67
C TRP B 136 -19.28 7.53 -7.70
C TRP B 136 -19.28 7.53 -7.70
N ARG B 137 -18.72 6.31 -7.70
CA ARG B 137 -17.26 6.06 -7.78
C ARG B 137 -16.74 6.60 -9.11
N GLU B 138 -17.49 6.34 -10.20
CA GLU B 138 -17.14 6.78 -11.57
C GLU B 138 -17.12 8.32 -11.65
N GLY B 139 -18.01 9.01 -10.93
CA GLY B 139 -18.18 10.47 -11.01
C GLY B 139 -17.16 11.26 -10.21
N ILE B 140 -16.69 10.75 -9.07
CA ILE B 140 -15.72 11.50 -8.21
C ILE B 140 -14.31 11.18 -8.70
N SER B 141 -14.16 10.09 -9.45
CA SER B 141 -12.91 9.73 -10.19
C SER B 141 -13.01 10.27 -11.62
N SER B 142 -11.99 9.99 -12.45
CA SER B 142 -11.97 10.31 -13.90
C SER B 142 -12.84 9.38 -14.74
N SER B 143 -13.43 8.31 -14.20
CA SER B 143 -14.12 7.28 -15.04
C SER B 143 -15.16 7.96 -15.93
N THR B 144 -16.10 8.72 -15.36
CA THR B 144 -17.26 9.20 -16.14
C THR B 144 -16.79 10.15 -17.26
N THR B 145 -15.87 11.06 -16.95
CA THR B 145 -15.48 12.18 -17.85
C THR B 145 -14.37 11.73 -18.82
N LEU B 146 -13.38 10.95 -18.38
CA LEU B 146 -12.18 10.61 -19.19
C LEU B 146 -12.19 9.17 -19.69
N GLY B 147 -12.97 8.27 -19.08
CA GLY B 147 -13.13 6.90 -19.53
C GLY B 147 -12.06 6.00 -18.94
N PHE B 148 -11.42 6.44 -17.88
CA PHE B 148 -10.48 5.57 -17.11
C PHE B 148 -10.31 6.20 -15.75
N ARG B 149 -9.66 5.46 -14.85
CA ARG B 149 -9.24 6.01 -13.55
C ARG B 149 -8.03 5.22 -13.02
N ILE B 150 -7.13 5.94 -12.42
CA ILE B 150 -5.97 5.36 -11.71
C ILE B 150 -6.51 4.69 -10.46
N GLU B 151 -6.24 3.40 -10.28
CA GLU B 151 -6.67 2.65 -9.08
C GLU B 151 -5.52 2.52 -8.06
N GLY B 152 -4.28 2.39 -8.52
CA GLY B 152 -3.20 2.29 -7.54
C GLY B 152 -1.82 2.21 -8.15
N ILE B 153 -0.84 2.42 -7.30
CA ILE B 153 0.60 2.36 -7.67
C ILE B 153 1.24 1.39 -6.67
N LYS B 154 2.03 0.46 -7.17
CA LYS B 154 2.80 -0.49 -6.35
C LYS B 154 4.29 -0.27 -6.63
N LYS B 155 5.13 -0.35 -5.60
CA LYS B 155 6.61 -0.36 -5.79
C LYS B 155 7.18 -1.63 -5.15
N ALA B 156 8.29 -2.12 -5.70
CA ALA B 156 8.76 -3.50 -5.47
C ALA B 156 9.32 -3.60 -4.04
N ASP B 157 9.65 -2.45 -3.43
CA ASP B 157 10.00 -2.32 -1.98
C ASP B 157 8.82 -2.74 -1.10
N GLY B 158 7.59 -2.76 -1.63
CA GLY B 158 6.38 -3.20 -0.92
C GLY B 158 5.37 -2.07 -0.77
N SER B 159 5.83 -0.83 -1.00
CA SER B 159 5.02 0.41 -0.94
C SER B 159 3.81 0.30 -1.87
N CYS B 160 2.73 0.96 -1.49
CA CYS B 160 1.39 0.74 -2.07
C CYS B 160 0.60 2.06 -1.91
N SER B 161 -0.08 2.54 -2.94
CA SER B 161 -1.05 3.65 -2.79
C SER B 161 -2.28 3.32 -3.63
N THR B 162 -3.45 3.33 -2.99
CA THR B 162 -4.76 3.31 -3.69
C THR B 162 -5.49 4.63 -3.44
N ASP B 163 -4.78 5.68 -3.04
CA ASP B 163 -5.38 6.97 -2.59
C ASP B 163 -5.70 7.83 -3.81
N PHE B 164 -6.59 7.34 -4.68
CA PHE B 164 -6.86 7.98 -6.00
C PHE B 164 -8.37 8.14 -6.28
N LYS B 165 -9.20 7.92 -5.26
CA LYS B 165 -10.68 7.82 -5.37
C LYS B 165 -11.24 9.14 -5.93
N THR B 166 -10.56 10.25 -5.69
CA THR B 166 -10.98 11.62 -6.08
C THR B 166 -10.02 12.21 -7.09
N THR B 167 -9.23 11.38 -7.78
CA THR B 167 -8.35 11.86 -8.88
C THR B 167 -9.20 11.93 -10.15
N ARG B 168 -9.51 13.13 -10.63
CA ARG B 168 -10.59 13.30 -11.62
C ARG B 168 -10.17 14.21 -12.78
N SER B 169 -9.56 15.35 -12.53
CA SER B 169 -9.27 16.31 -13.61
C SER B 169 -8.10 15.78 -14.45
N ARG B 170 -8.01 16.24 -15.70
N ARG B 170 -8.00 16.26 -15.69
CA ARG B 170 -6.90 15.91 -16.64
CA ARG B 170 -6.91 15.90 -16.63
C ARG B 170 -5.57 16.20 -15.93
C ARG B 170 -5.56 16.21 -15.95
N GLU B 171 -5.42 17.41 -15.37
CA GLU B 171 -4.18 17.83 -14.68
C GLU B 171 -3.92 16.96 -13.45
N GLN B 172 -4.93 16.57 -12.70
CA GLN B 172 -4.76 15.66 -11.53
C GLN B 172 -4.17 14.32 -12.00
N VAL B 173 -4.69 13.76 -13.08
CA VAL B 173 -4.19 12.46 -13.60
C VAL B 173 -2.75 12.66 -14.05
N LEU B 174 -2.48 13.75 -14.77
CA LEU B 174 -1.15 14.07 -15.30
C LEU B 174 -0.16 14.09 -14.15
N ARG B 175 -0.52 14.72 -13.02
CA ARG B 175 0.41 14.83 -11.87
C ARG B 175 0.68 13.45 -11.26
N VAL B 176 -0.30 12.55 -11.21
CA VAL B 176 -0.06 11.18 -10.72
C VAL B 176 0.97 10.51 -11.65
N PHE B 177 0.76 10.57 -12.98
CA PHE B 177 1.69 9.89 -13.92
C PHE B 177 3.08 10.52 -13.75
N GLU B 178 3.12 11.85 -13.61
CA GLU B 178 4.37 12.64 -13.50
C GLU B 178 5.18 12.07 -12.34
N GLU B 179 4.52 11.91 -11.19
CA GLU B 179 5.09 11.33 -9.95
C GLU B 179 5.52 9.89 -10.22
N PHE B 180 4.65 9.11 -10.84
CA PHE B 180 4.88 7.67 -11.06
C PHE B 180 6.15 7.44 -11.88
N VAL B 181 6.42 8.26 -12.90
CA VAL B 181 7.55 8.00 -13.85
C VAL B 181 8.81 8.74 -13.37
N GLN B 182 8.67 9.66 -12.42
CA GLN B 182 9.83 10.24 -11.68
C GLN B 182 10.86 10.79 -12.66
N GLY B 183 10.41 11.57 -13.64
CA GLY B 183 11.24 12.33 -14.60
C GLY B 183 11.93 11.45 -15.64
N ASP B 184 11.64 10.15 -15.68
CA ASP B 184 12.31 9.18 -16.62
C ASP B 184 11.71 9.39 -18.02
N GLU B 185 12.40 10.15 -18.88
CA GLU B 185 11.88 10.52 -20.22
C GLU B 185 11.72 9.27 -21.10
N GLU B 186 12.61 8.29 -20.94
CA GLU B 186 12.65 7.06 -21.76
C GLU B 186 11.44 6.21 -21.42
N VAL B 187 11.18 6.04 -20.12
CA VAL B 187 10.03 5.25 -19.63
C VAL B 187 8.77 5.87 -20.21
N LEU B 188 8.64 7.20 -20.11
CA LEU B 188 7.40 7.89 -20.58
C LEU B 188 7.27 7.71 -22.09
N ARG B 189 8.36 7.88 -22.84
CA ARG B 189 8.36 7.69 -24.31
C ARG B 189 7.93 6.27 -24.61
N ARG B 190 8.44 5.31 -23.87
CA ARG B 190 8.16 3.87 -24.13
C ARG B 190 6.68 3.56 -23.80
N TYR B 191 6.17 4.11 -22.71
CA TYR B 191 4.74 3.97 -22.36
C TYR B 191 3.91 4.55 -23.51
N LEU B 192 4.26 5.70 -24.03
CA LEU B 192 3.44 6.34 -25.07
C LEU B 192 3.49 5.48 -26.33
N ASN B 193 4.66 4.96 -26.70
CA ASN B 193 4.78 4.10 -27.90
C ASN B 193 3.87 2.88 -27.72
N ARG B 194 3.91 2.27 -26.54
CA ARG B 194 3.13 1.04 -26.30
C ARG B 194 1.64 1.38 -26.36
N LEU B 195 1.20 2.50 -25.77
CA LEU B 195 -0.25 2.85 -25.77
C LEU B 195 -0.71 3.05 -27.21
N GLN B 196 0.11 3.69 -28.02
CA GLN B 196 -0.28 3.98 -29.42
C GLN B 196 -0.47 2.62 -30.11
N GLN B 197 0.47 1.70 -29.91
CA GLN B 197 0.47 0.38 -30.55
C GLN B 197 -0.71 -0.43 -30.04
N ILE B 198 -0.99 -0.36 -28.74
CA ILE B 198 -2.17 -1.03 -28.14
C ILE B 198 -3.43 -0.46 -28.80
N ARG B 199 -3.50 0.86 -28.96
CA ARG B 199 -4.71 1.49 -29.56
C ARG B 199 -4.90 0.97 -30.98
N ASP B 200 -3.82 0.95 -31.77
CA ASP B 200 -3.89 0.42 -33.17
C ASP B 200 -4.33 -1.05 -33.17
N THR B 201 -3.91 -1.83 -32.18
CA THR B 201 -4.27 -3.27 -32.07
C THR B 201 -5.76 -3.39 -31.71
N LEU B 202 -6.21 -2.62 -30.76
CA LEU B 202 -7.64 -2.68 -30.34
C LEU B 202 -8.52 -2.28 -31.52
N GLU B 203 -8.10 -1.27 -32.30
CA GLU B 203 -8.95 -0.81 -33.43
C GLU B 203 -9.15 -1.91 -34.49
N VAL B 204 -8.31 -2.91 -34.57
CA VAL B 204 -8.41 -3.99 -35.59
C VAL B 204 -8.87 -5.31 -34.94
N SER B 205 -8.86 -5.43 -33.63
CA SER B 205 -9.11 -6.68 -32.89
C SER B 205 -10.53 -7.25 -33.12
N GLU B 206 -10.60 -8.49 -33.63
CA GLU B 206 -11.90 -9.22 -33.82
C GLU B 206 -12.52 -9.41 -32.44
N PHE B 207 -11.70 -9.79 -31.46
CA PHE B 207 -12.15 -9.93 -30.07
C PHE B 207 -12.77 -8.60 -29.63
N PHE B 208 -12.04 -7.49 -29.78
CA PHE B 208 -12.40 -6.21 -29.11
C PHE B 208 -13.74 -5.70 -29.66
N ARG B 209 -13.97 -5.79 -30.96
CA ARG B 209 -15.22 -5.26 -31.57
C ARG B 209 -16.44 -6.08 -31.10
N ARG B 210 -16.25 -7.34 -30.70
CA ARG B 210 -17.38 -8.27 -30.40
C ARG B 210 -17.54 -8.48 -28.89
N HIS B 211 -16.82 -7.73 -28.05
CA HIS B 211 -16.91 -7.90 -26.58
C HIS B 211 -17.08 -6.58 -25.87
N GLU B 212 -17.90 -6.60 -24.82
CA GLU B 212 -18.06 -5.51 -23.84
C GLU B 212 -16.92 -5.66 -22.83
N VAL B 213 -16.04 -4.65 -22.74
CA VAL B 213 -14.82 -4.76 -21.92
C VAL B 213 -15.02 -3.91 -20.67
N ILE B 214 -15.58 -4.51 -19.59
CA ILE B 214 -15.90 -3.79 -18.33
C ILE B 214 -14.98 -4.33 -17.23
N GLY B 215 -14.42 -3.43 -16.42
CA GLY B 215 -13.62 -3.76 -15.22
C GLY B 215 -12.22 -4.27 -15.53
N SER B 216 -11.73 -4.10 -16.76
CA SER B 216 -10.34 -4.44 -17.13
C SER B 216 -9.46 -3.24 -16.80
N SER B 217 -8.17 -3.49 -16.67
CA SER B 217 -7.20 -2.43 -16.39
C SER B 217 -6.11 -2.45 -17.42
N LEU B 218 -5.46 -1.31 -17.60
CA LEU B 218 -4.15 -1.26 -18.25
C LEU B 218 -3.14 -1.29 -17.12
N LEU B 219 -2.17 -2.18 -17.21
CA LEU B 219 -1.12 -2.24 -16.17
C LEU B 219 0.16 -1.66 -16.76
N PHE B 220 0.62 -0.56 -16.18
CA PHE B 220 1.86 0.13 -16.53
C PHE B 220 2.95 -0.43 -15.63
N VAL B 221 4.02 -0.93 -16.22
CA VAL B 221 5.15 -1.52 -15.45
C VAL B 221 6.45 -0.89 -15.95
N HIS B 222 7.25 -0.37 -15.05
CA HIS B 222 8.60 0.11 -15.42
C HIS B 222 9.59 -0.12 -14.29
N ASP B 223 10.87 0.04 -14.61
CA ASP B 223 11.97 -0.17 -13.65
C ASP B 223 13.06 0.89 -13.87
N HIS B 224 14.06 0.86 -13.00
CA HIS B 224 15.10 1.91 -12.94
C HIS B 224 16.07 1.72 -14.13
N CYS B 225 15.98 0.58 -14.80
CA CYS B 225 16.73 0.26 -16.05
C CYS B 225 16.00 0.84 -17.28
N HIS B 226 14.92 1.59 -17.05
CA HIS B 226 14.11 2.28 -18.08
C HIS B 226 13.26 1.30 -18.90
N ARG B 227 13.15 0.04 -18.51
CA ARG B 227 12.22 -0.94 -19.12
C ARG B 227 10.80 -0.44 -18.86
N ALA B 228 9.93 -0.47 -19.86
CA ALA B 228 8.54 -0.01 -19.70
C ALA B 228 7.63 -0.89 -20.52
N GLY B 229 6.57 -1.36 -19.91
CA GLY B 229 5.56 -2.19 -20.56
C GLY B 229 4.18 -1.78 -20.15
N VAL B 230 3.21 -2.09 -21.00
CA VAL B 230 1.78 -1.89 -20.66
C VAL B 230 1.03 -3.11 -21.18
N TRP B 231 0.12 -3.64 -20.40
CA TRP B 231 -0.76 -4.75 -20.81
C TRP B 231 -2.18 -4.52 -20.33
N LEU B 232 -3.15 -5.08 -21.05
CA LEU B 232 -4.55 -5.25 -20.60
C LEU B 232 -4.59 -6.46 -19.66
N ILE B 233 -5.22 -6.29 -18.50
CA ILE B 233 -5.47 -7.38 -17.55
C ILE B 233 -6.93 -7.32 -17.05
N ASP B 234 -7.41 -8.46 -16.56
CA ASP B 234 -8.67 -8.61 -15.78
C ASP B 234 -9.86 -8.64 -16.75
N PHE B 235 -10.16 -9.82 -17.26
CA PHE B 235 -11.25 -10.08 -18.23
C PHE B 235 -12.40 -10.79 -17.50
N GLY B 236 -12.49 -10.59 -16.18
CA GLY B 236 -13.51 -11.15 -15.30
C GLY B 236 -14.91 -10.71 -15.70
N LYS B 237 -15.04 -9.47 -16.18
CA LYS B 237 -16.36 -8.84 -16.49
C LYS B 237 -16.42 -8.48 -17.97
N THR B 238 -15.63 -9.15 -18.81
CA THR B 238 -15.62 -8.96 -20.28
C THR B 238 -16.48 -10.06 -20.91
N THR B 239 -17.55 -9.70 -21.61
CA THR B 239 -18.59 -10.65 -22.12
C THR B 239 -18.85 -10.39 -23.59
N PRO B 240 -19.14 -11.47 -24.37
CA PRO B 240 -19.40 -11.36 -25.80
C PRO B 240 -20.73 -10.68 -26.09
N LEU B 241 -20.85 -10.10 -27.28
CA LEU B 241 -22.10 -9.52 -27.82
C LEU B 241 -22.82 -10.60 -28.63
N PRO B 242 -24.16 -10.52 -28.75
CA PRO B 242 -24.92 -11.40 -29.65
C PRO B 242 -24.34 -11.46 -31.07
N ASP B 243 -24.33 -12.65 -31.68
CA ASP B 243 -23.74 -12.89 -33.02
C ASP B 243 -24.06 -11.69 -33.93
N GLY B 244 -23.05 -11.19 -34.64
CA GLY B 244 -23.17 -10.10 -35.63
C GLY B 244 -23.47 -8.73 -35.03
N GLN B 245 -23.21 -8.54 -33.74
N GLN B 245 -23.28 -8.54 -33.72
CA GLN B 245 -23.34 -7.23 -33.02
CA GLN B 245 -23.34 -7.21 -33.05
C GLN B 245 -21.94 -6.77 -32.60
C GLN B 245 -21.93 -6.78 -32.64
N ILE B 246 -21.63 -5.48 -32.73
CA ILE B 246 -20.28 -4.93 -32.40
C ILE B 246 -20.41 -3.63 -31.60
N LEU B 247 -19.33 -3.23 -30.92
CA LEU B 247 -19.25 -1.95 -30.17
C LEU B 247 -18.21 -1.10 -30.89
N ASP B 248 -18.33 0.23 -30.80
CA ASP B 248 -17.26 1.13 -31.30
C ASP B 248 -16.36 1.54 -30.13
N HIS B 249 -16.83 1.46 -28.89
CA HIS B 249 -15.99 1.69 -27.68
C HIS B 249 -15.58 3.16 -27.50
N ARG B 250 -16.21 4.08 -28.23
CA ARG B 250 -16.01 5.53 -28.00
C ARG B 250 -17.32 6.20 -27.64
N ARG B 251 -18.44 5.79 -28.22
CA ARG B 251 -19.72 6.53 -28.03
C ARG B 251 -20.17 6.39 -26.58
N PRO B 252 -20.97 7.35 -26.07
CA PRO B 252 -21.47 7.28 -24.69
C PRO B 252 -22.27 6.00 -24.40
N TRP B 253 -22.14 5.52 -23.17
CA TRP B 253 -22.93 4.33 -22.75
C TRP B 253 -24.39 4.76 -22.54
N GLU B 254 -25.31 3.99 -23.11
CA GLU B 254 -26.78 4.14 -22.87
C GLU B 254 -27.32 2.74 -22.56
N GLU B 255 -28.00 2.56 -21.42
CA GLU B 255 -28.49 1.22 -21.01
C GLU B 255 -29.01 0.46 -22.24
N GLY B 256 -28.44 -0.71 -22.49
CA GLY B 256 -28.89 -1.64 -23.54
C GLY B 256 -27.96 -1.62 -24.72
N ASN B 257 -27.12 -0.58 -24.85
CA ASN B 257 -26.12 -0.51 -25.96
C ASN B 257 -24.79 -1.17 -25.54
N ARG B 258 -24.61 -1.46 -24.25
CA ARG B 258 -23.42 -2.20 -23.71
C ARG B 258 -22.10 -1.52 -24.11
N GLU B 259 -22.11 -0.21 -24.45
CA GLU B 259 -20.88 0.56 -24.77
C GLU B 259 -20.10 0.82 -23.46
N ASP B 260 -18.78 0.74 -23.53
CA ASP B 260 -17.89 0.74 -22.32
C ASP B 260 -16.98 1.96 -22.35
N GLY B 261 -16.94 2.72 -23.45
CA GLY B 261 -16.04 3.91 -23.57
C GLY B 261 -14.56 3.56 -23.37
N TYR B 262 -14.16 2.34 -23.70
CA TYR B 262 -12.77 1.85 -23.50
C TYR B 262 -11.81 2.74 -24.29
N LEU B 263 -12.14 2.97 -25.56
CA LEU B 263 -11.23 3.69 -26.50
C LEU B 263 -11.29 5.18 -26.18
N LEU B 264 -12.40 5.69 -25.66
CA LEU B 264 -12.41 7.08 -25.14
C LEU B 264 -11.36 7.17 -24.02
N GLY B 265 -11.37 6.21 -23.10
CA GLY B 265 -10.38 6.17 -22.01
C GLY B 265 -8.97 6.13 -22.58
N LEU B 266 -8.71 5.27 -23.57
CA LEU B 266 -7.33 5.08 -24.08
C LEU B 266 -6.93 6.38 -24.81
N ASP B 267 -7.81 6.98 -25.61
CA ASP B 267 -7.58 8.30 -26.26
C ASP B 267 -7.13 9.34 -25.23
N ASN B 268 -7.89 9.51 -24.13
CA ASN B 268 -7.58 10.51 -23.08
C ASN B 268 -6.25 10.20 -22.39
N LEU B 269 -5.98 8.93 -22.09
CA LEU B 269 -4.73 8.46 -21.42
C LEU B 269 -3.54 8.82 -22.29
N ILE B 270 -3.66 8.59 -23.60
CA ILE B 270 -2.56 8.88 -24.56
C ILE B 270 -2.38 10.42 -24.59
N GLY B 271 -3.47 11.18 -24.68
CA GLY B 271 -3.42 12.65 -24.65
C GLY B 271 -2.67 13.16 -23.42
N ILE B 272 -2.98 12.60 -22.27
CA ILE B 272 -2.45 13.08 -20.97
C ILE B 272 -0.95 12.78 -20.94
N LEU B 273 -0.57 11.56 -21.31
CA LEU B 273 0.86 11.15 -21.27
C LEU B 273 1.65 11.97 -22.29
N ALA B 274 1.06 12.26 -23.46
CA ALA B 274 1.73 13.04 -24.52
C ALA B 274 1.92 14.45 -23.98
N SER B 275 0.91 14.98 -23.29
CA SER B 275 0.99 16.33 -22.68
C SER B 275 2.12 16.33 -21.65
N LEU B 276 2.17 15.30 -20.80
CA LEU B 276 3.23 15.15 -19.77
C LEU B 276 4.60 15.13 -20.45
N ALA B 277 4.72 14.47 -21.59
CA ALA B 277 6.01 14.30 -22.31
C ALA B 277 6.53 15.65 -22.81
N GLU B 278 5.67 16.66 -23.07
CA GLU B 278 6.10 17.99 -23.57
C GLU B 278 6.37 18.98 -22.44
N ARG B 279 6.08 18.62 -21.17
CA ARG B 279 6.31 19.51 -19.98
C ARG B 279 7.82 19.71 -19.75
#